data_6XJ7
#
_entry.id   6XJ7
#
_cell.length_a   64.930
_cell.length_b   89.760
_cell.length_c   106.600
_cell.angle_alpha   90.000
_cell.angle_beta   90.000
_cell.angle_gamma   90.000
#
_symmetry.space_group_name_H-M   'P 2 21 21'
#
loop_
_entity.id
_entity.type
_entity.pdbx_description
1 polymer Pgp2
2 water water
#
_entity_poly.entity_id   1
_entity_poly.type   'polypeptide(L)'
_entity_poly.pdbx_seq_one_letter_code
;SGLVPRGSHMQKDFWLSEIGDKNISLGYYDDNVAIVLTNKTDKILRVYSYEDGKIRKDFEQKEIITGLMGDKKIEGDLKT
PVGFYELGRKFNPGDPYYGPFAFATTYPNLLDKVQGKTGGGIWIHGYPLDGSRLDEFKTRGCIALFNNNLEKFAQVVQDK
KVFVMTEEKEKIRAKKDQIASLLADLFTWKLAWTNSDTNTYLSFYDEQEFKRFDKMKFEQFASMKKSIFSRKEDKKIKFS
DINISPYPNLENETMYRISFYEDYYTKNYQFRGDAILYVKIDSKGKMKILAEQ
;
_entity_poly.pdbx_strand_id   A,B
#
# COMPACT_ATOMS: atom_id res chain seq x y z
N SER A 1 12.39 10.63 -32.91
CA SER A 1 12.15 12.00 -33.34
C SER A 1 12.49 12.99 -32.22
N GLY A 2 13.26 14.02 -32.59
CA GLY A 2 13.59 15.07 -31.67
C GLY A 2 12.40 15.88 -31.23
N LEU A 3 11.27 15.77 -31.94
CA LEU A 3 10.05 16.44 -31.49
C LEU A 3 9.39 15.72 -30.31
N VAL A 4 9.81 14.50 -30.02
CA VAL A 4 9.32 13.70 -28.88
C VAL A 4 7.81 13.56 -28.98
N PRO A 5 7.33 12.86 -30.01
CA PRO A 5 5.89 12.60 -30.12
C PRO A 5 5.36 11.82 -28.93
N ARG A 6 4.05 11.93 -28.72
CA ARG A 6 3.42 11.17 -27.65
C ARG A 6 3.74 9.68 -27.85
N GLY A 7 4.00 8.99 -26.74
CA GLY A 7 4.44 7.60 -26.76
C GLY A 7 5.93 7.40 -26.93
N SER A 8 6.69 8.47 -27.14
CA SER A 8 8.14 8.32 -27.28
C SER A 8 8.73 7.57 -26.11
N HIS A 9 8.20 7.80 -24.91
CA HIS A 9 8.85 7.26 -23.72
C HIS A 9 8.74 5.74 -23.69
N MET A 10 7.85 5.17 -24.49
CA MET A 10 7.69 3.73 -24.61
C MET A 10 8.56 3.12 -25.70
N GLN A 11 9.43 3.92 -26.32
CA GLN A 11 10.19 3.52 -27.49
C GLN A 11 11.67 3.41 -27.11
N LYS A 12 12.26 2.24 -27.33
CA LYS A 12 13.68 2.08 -27.05
C LYS A 12 14.50 3.11 -27.83
N ASP A 13 14.10 3.40 -29.07
CA ASP A 13 14.89 4.33 -29.88
C ASP A 13 14.93 5.72 -29.26
N PHE A 14 13.85 6.15 -28.64
CA PHE A 14 13.87 7.46 -28.00
C PHE A 14 14.91 7.49 -26.90
N TRP A 15 14.92 6.46 -26.07
CA TRP A 15 15.85 6.46 -24.94
C TRP A 15 17.28 6.34 -25.42
N LEU A 16 17.52 5.58 -26.51
CA LEU A 16 18.86 5.55 -27.08
C LEU A 16 19.31 6.94 -27.52
N SER A 17 18.41 7.69 -28.15
CA SER A 17 18.75 9.06 -28.52
C SER A 17 19.00 9.92 -27.30
N GLU A 18 18.17 9.77 -26.27
CA GLU A 18 18.31 10.59 -25.08
C GLU A 18 19.61 10.29 -24.35
N ILE A 19 19.95 9.01 -24.21
CA ILE A 19 21.24 8.67 -23.62
C ILE A 19 22.36 9.22 -24.47
N GLY A 20 22.21 9.13 -25.79
CA GLY A 20 23.22 9.60 -26.70
C GLY A 20 24.61 9.07 -26.40
N ASP A 21 25.56 9.99 -26.27
CA ASP A 21 26.98 9.68 -26.05
C ASP A 21 27.35 9.66 -24.58
N LYS A 22 26.38 9.61 -23.68
CA LYS A 22 26.68 9.62 -22.26
C LYS A 22 27.37 8.32 -21.84
N ASN A 23 28.26 8.44 -20.85
CA ASN A 23 28.82 7.26 -20.20
C ASN A 23 27.80 6.79 -19.17
N ILE A 24 27.03 5.77 -19.52
CA ILE A 24 26.01 5.23 -18.64
C ILE A 24 26.46 3.92 -17.98
N SER A 25 27.78 3.62 -18.04
CA SER A 25 28.28 2.32 -17.60
C SER A 25 28.00 2.05 -16.13
N LEU A 26 27.93 3.09 -15.30
CA LEU A 26 27.57 2.90 -13.90
C LEU A 26 26.13 3.33 -13.60
N GLY A 27 25.31 3.46 -14.63
CA GLY A 27 23.94 3.95 -14.49
C GLY A 27 23.71 5.20 -15.30
N TYR A 28 22.42 5.49 -15.47
CA TYR A 28 21.91 6.66 -16.18
C TYR A 28 21.07 7.44 -15.19
N TYR A 29 21.50 8.66 -14.87
CA TYR A 29 20.95 9.41 -13.74
C TYR A 29 20.40 10.76 -14.16
N ASP A 30 19.30 11.12 -13.53
CA ASP A 30 18.64 12.41 -13.67
C ASP A 30 19.19 13.45 -12.71
N ASP A 31 20.04 13.03 -11.78
CA ASP A 31 20.70 13.87 -10.80
C ASP A 31 22.20 13.70 -10.95
N ASN A 32 22.94 14.70 -10.49
CA ASN A 32 24.34 14.49 -10.22
C ASN A 32 24.44 13.58 -9.02
N VAL A 33 25.24 12.52 -9.15
CA VAL A 33 25.33 11.53 -8.10
C VAL A 33 26.79 11.14 -7.97
N ALA A 34 27.10 10.51 -6.85
CA ALA A 34 28.36 9.79 -6.71
C ALA A 34 28.06 8.32 -6.56
N ILE A 35 28.92 7.49 -7.13
CA ILE A 35 28.80 6.04 -7.04
C ILE A 35 30.04 5.49 -6.36
N VAL A 36 29.82 4.83 -5.22
CA VAL A 36 30.88 4.16 -4.50
C VAL A 36 30.94 2.74 -5.03
N LEU A 37 31.95 2.46 -5.84
CA LEU A 37 32.06 1.16 -6.49
C LEU A 37 33.11 0.35 -5.76
N THR A 38 32.68 -0.77 -5.17
CA THR A 38 33.57 -1.69 -4.48
C THR A 38 33.57 -3.03 -5.20
N ASN A 39 34.76 -3.62 -5.38
CA ASN A 39 34.85 -4.97 -5.90
C ASN A 39 35.46 -5.84 -4.82
N LYS A 40 34.69 -6.83 -4.38
CA LYS A 40 35.07 -7.63 -3.24
C LYS A 40 36.25 -8.54 -3.54
N THR A 41 36.45 -8.90 -4.82
CA THR A 41 37.57 -9.75 -5.17
C THR A 41 38.86 -8.94 -5.32
N ASP A 42 38.78 -7.80 -6.01
CA ASP A 42 39.95 -6.95 -6.23
C ASP A 42 40.36 -6.17 -4.99
N LYS A 43 39.46 -6.03 -4.01
CA LYS A 43 39.68 -5.21 -2.82
C LYS A 43 40.03 -3.78 -3.21
N ILE A 44 39.23 -3.23 -4.13
CA ILE A 44 39.36 -1.85 -4.55
C ILE A 44 38.02 -1.16 -4.34
N LEU A 45 38.06 0.00 -3.72
CA LEU A 45 36.90 0.87 -3.64
C LEU A 45 37.22 2.17 -4.38
N ARG A 46 36.30 2.58 -5.24
CA ARG A 46 36.43 3.83 -5.94
C ARG A 46 35.16 4.63 -5.75
N VAL A 47 35.27 5.95 -5.85
CA VAL A 47 34.10 6.82 -5.93
C VAL A 47 34.15 7.53 -7.28
N TYR A 48 33.07 7.43 -8.04
CA TYR A 48 32.92 8.11 -9.30
C TYR A 48 31.83 9.16 -9.18
N SER A 49 32.11 10.35 -9.71
CA SER A 49 31.08 11.37 -9.82
C SER A 49 30.44 11.24 -11.21
N TYR A 50 29.13 11.35 -11.24
CA TYR A 50 28.38 11.31 -12.49
C TYR A 50 27.71 12.65 -12.65
N GLU A 51 28.03 13.34 -13.74
CA GLU A 51 27.36 14.60 -14.08
C GLU A 51 26.90 14.55 -15.55
N ASP A 52 25.59 14.44 -15.72
CA ASP A 52 24.98 14.38 -17.04
C ASP A 52 25.75 13.45 -17.97
N GLY A 53 26.18 12.30 -17.48
CA GLY A 53 26.80 11.33 -18.35
C GLY A 53 28.30 11.44 -18.47
N LYS A 54 28.91 12.37 -17.75
CA LYS A 54 30.37 12.43 -17.63
C LYS A 54 30.76 11.80 -16.30
N ILE A 55 31.68 10.86 -16.36
CA ILE A 55 32.18 10.15 -15.19
C ILE A 55 33.56 10.70 -14.86
N ARG A 56 33.80 10.93 -13.57
CA ARG A 56 35.12 11.32 -13.09
C ARG A 56 35.43 10.48 -11.85
N LYS A 57 36.62 9.88 -11.81
CA LYS A 57 37.04 9.13 -10.64
C LYS A 57 37.57 10.10 -9.59
N ASP A 58 36.89 10.16 -8.44
CA ASP A 58 37.26 11.09 -7.39
C ASP A 58 37.99 10.45 -6.22
N PHE A 59 37.97 9.14 -6.11
CA PHE A 59 38.58 8.45 -4.98
C PHE A 59 38.91 7.05 -5.41
N GLU A 60 40.06 6.54 -4.94
CA GLU A 60 40.40 5.15 -5.15
C GLU A 60 41.29 4.71 -4.00
N GLN A 61 40.95 3.59 -3.39
CA GLN A 61 41.89 2.92 -2.51
C GLN A 61 41.91 1.44 -2.86
N LYS A 62 43.11 0.90 -3.01
CA LYS A 62 43.28 -0.53 -3.12
C LYS A 62 43.54 -1.14 -1.75
N GLU A 63 43.55 -2.46 -1.72
CA GLU A 63 43.79 -3.24 -0.50
C GLU A 63 42.80 -2.88 0.62
N ILE A 64 41.55 -2.64 0.24
CA ILE A 64 40.52 -2.35 1.23
C ILE A 64 40.29 -3.66 1.96
N ILE A 65 39.59 -3.60 3.08
CA ILE A 65 39.10 -4.81 3.74
C ILE A 65 37.59 -4.82 3.60
N THR A 66 37.08 -5.80 2.90
CA THR A 66 35.64 -6.05 2.92
C THR A 66 35.36 -7.21 3.85
N GLY A 67 34.08 -7.53 4.00
CA GLY A 67 33.69 -8.74 4.67
C GLY A 67 33.83 -9.94 3.76
N LEU A 68 33.22 -11.03 4.19
CA LEU A 68 33.37 -12.31 3.49
C LEU A 68 32.74 -12.31 2.11
N MET A 69 33.27 -13.22 1.28
CA MET A 69 32.79 -13.47 -0.06
C MET A 69 31.45 -14.20 -0.02
N GLY A 70 30.74 -14.14 -1.13
CA GLY A 70 29.36 -14.59 -1.26
C GLY A 70 28.39 -13.48 -0.91
N ASP A 71 27.18 -13.57 -1.45
CA ASP A 71 26.23 -12.50 -1.16
C ASP A 71 25.61 -12.72 0.20
N LYS A 72 25.43 -11.62 0.92
CA LYS A 72 24.90 -11.68 2.27
C LYS A 72 23.49 -12.22 2.27
N LYS A 73 23.21 -13.16 3.17
CA LYS A 73 21.87 -13.68 3.34
C LYS A 73 21.28 -13.37 4.71
N ILE A 74 22.08 -13.42 5.77
CA ILE A 74 21.56 -13.34 7.14
C ILE A 74 22.49 -12.51 8.02
N GLU A 75 21.90 -12.00 9.10
CA GLU A 75 22.66 -11.39 10.17
C GLU A 75 23.69 -12.37 10.68
N GLY A 76 24.94 -11.93 10.73
CA GLY A 76 25.99 -12.73 11.31
C GLY A 76 26.69 -13.68 10.36
N ASP A 77 26.41 -13.61 9.06
CA ASP A 77 27.22 -14.40 8.14
C ASP A 77 28.47 -13.67 7.71
N LEU A 78 28.64 -12.42 8.16
CA LEU A 78 29.86 -11.64 7.97
C LEU A 78 30.12 -11.28 6.53
N LYS A 79 29.17 -11.54 5.63
CA LYS A 79 29.40 -11.24 4.23
C LYS A 79 29.11 -9.78 3.93
N THR A 80 29.81 -9.26 2.97
CA THR A 80 29.50 -7.94 2.46
C THR A 80 28.49 -8.09 1.33
N PRO A 81 27.37 -7.38 1.37
CA PRO A 81 26.35 -7.59 0.34
C PRO A 81 26.80 -7.10 -1.03
N VAL A 82 26.35 -7.86 -2.02
CA VAL A 82 26.52 -7.59 -3.43
C VAL A 82 25.24 -6.96 -3.92
N GLY A 83 25.35 -5.90 -4.69
CA GLY A 83 24.17 -5.27 -5.22
C GLY A 83 24.29 -3.77 -5.29
N PHE A 84 23.15 -3.08 -5.22
CA PHE A 84 23.08 -1.64 -5.38
C PHE A 84 22.29 -1.05 -4.22
N TYR A 85 22.91 -0.09 -3.54
CA TYR A 85 22.52 0.42 -2.25
C TYR A 85 22.72 1.92 -2.30
N GLU A 86 22.42 2.58 -1.19
CA GLU A 86 22.73 3.98 -1.05
C GLU A 86 23.59 4.16 0.19
N LEU A 87 24.22 5.33 0.27
CA LEU A 87 25.12 5.68 1.36
C LEU A 87 24.54 6.86 2.13
N GLY A 88 24.36 6.68 3.44
CA GLY A 88 23.92 7.74 4.32
C GLY A 88 25.07 8.67 4.70
N ARG A 89 24.74 9.66 5.52
CA ARG A 89 25.68 10.72 5.82
C ARG A 89 26.68 10.28 6.87
N LYS A 90 27.87 10.89 6.83
CA LYS A 90 28.89 10.71 7.85
C LYS A 90 28.27 10.80 9.25
N PHE A 91 28.61 9.85 10.10
CA PHE A 91 28.13 9.93 11.47
C PHE A 91 29.18 9.36 12.39
N ASN A 92 28.95 9.56 13.68
CA ASN A 92 29.88 9.15 14.72
C ASN A 92 29.27 7.96 15.43
N PRO A 93 29.74 6.74 15.15
CA PRO A 93 29.18 5.58 15.85
C PRO A 93 29.48 5.56 17.34
N GLY A 94 30.43 6.38 17.80
CA GLY A 94 30.77 6.40 19.21
C GLY A 94 31.58 5.20 19.67
N ASP A 95 32.26 4.53 18.76
CA ASP A 95 33.09 3.39 19.09
C ASP A 95 34.38 3.51 18.29
N PRO A 96 35.53 3.67 18.94
CA PRO A 96 36.78 3.85 18.19
C PRO A 96 37.17 2.65 17.34
N TYR A 97 36.50 1.50 17.51
CA TYR A 97 36.80 0.35 16.65
C TYR A 97 36.62 0.71 15.18
N TYR A 98 35.71 1.65 14.89
CA TYR A 98 35.33 1.95 13.51
C TYR A 98 36.17 3.07 12.91
N GLY A 99 37.22 3.50 13.58
CA GLY A 99 37.99 4.60 13.07
C GLY A 99 37.31 5.91 13.43
N PRO A 100 37.56 6.95 12.63
CA PRO A 100 37.12 8.30 13.01
C PRO A 100 35.64 8.60 12.82
N PHE A 101 35.00 7.94 11.86
CA PHE A 101 33.57 8.09 11.63
C PHE A 101 33.15 6.97 10.69
N ALA A 102 31.88 6.95 10.31
CA ALA A 102 31.37 5.88 9.47
C ALA A 102 30.25 6.40 8.58
N PHE A 103 29.87 5.57 7.60
CA PHE A 103 28.82 5.88 6.67
C PHE A 103 27.98 4.62 6.50
N ALA A 104 26.66 4.72 6.62
CA ALA A 104 25.81 3.54 6.61
C ALA A 104 25.29 3.28 5.20
N THR A 105 25.48 2.06 4.70
CA THR A 105 24.76 1.68 3.50
C THR A 105 23.34 1.28 3.87
N THR A 106 22.49 1.14 2.85
CA THR A 106 21.08 0.84 3.09
C THR A 106 20.76 -0.64 3.12
N TYR A 107 21.74 -1.52 3.27
CA TYR A 107 21.41 -2.92 3.42
C TYR A 107 20.60 -3.13 4.70
N PRO A 108 19.52 -3.94 4.66
CA PRO A 108 18.96 -4.64 3.51
C PRO A 108 18.06 -3.74 2.70
N ASN A 109 18.17 -3.79 1.38
CA ASN A 109 17.25 -3.00 0.56
C ASN A 109 15.95 -3.80 0.36
N LEU A 110 15.01 -3.23 -0.39
CA LEU A 110 13.71 -3.89 -0.49
C LEU A 110 13.83 -5.29 -1.07
N LEU A 111 14.65 -5.44 -2.12
CA LEU A 111 14.82 -6.74 -2.75
C LEU A 111 15.33 -7.74 -1.72
N ASP A 112 16.41 -7.38 -1.00
CA ASP A 112 16.89 -8.20 0.12
C ASP A 112 15.75 -8.58 1.05
N LYS A 113 14.94 -7.58 1.46
CA LYS A 113 13.90 -7.83 2.46
C LYS A 113 12.87 -8.83 1.94
N VAL A 114 12.38 -8.64 0.71
CA VAL A 114 11.32 -9.53 0.22
C VAL A 114 11.88 -10.90 -0.05
N GLN A 115 13.19 -11.00 -0.25
CA GLN A 115 13.80 -12.31 -0.34
C GLN A 115 14.03 -12.93 1.03
N GLY A 116 13.62 -12.27 2.11
CA GLY A 116 13.76 -12.81 3.45
C GLY A 116 15.15 -12.67 4.04
N LYS A 117 16.00 -11.81 3.48
CA LYS A 117 17.31 -11.61 4.06
C LYS A 117 17.21 -10.86 5.37
N THR A 118 18.19 -11.08 6.24
CA THR A 118 18.27 -10.36 7.50
C THR A 118 19.65 -9.74 7.66
N GLY A 119 19.82 -9.07 8.79
CA GLY A 119 21.05 -8.38 9.08
C GLY A 119 20.92 -6.89 8.84
N GLY A 120 22.05 -6.22 8.98
CA GLY A 120 22.08 -4.78 8.89
C GLY A 120 23.47 -4.29 9.27
N GLY A 121 23.57 -2.98 9.44
CA GLY A 121 24.83 -2.44 9.91
C GLY A 121 25.97 -2.61 8.94
N ILE A 122 25.68 -2.55 7.64
CA ILE A 122 26.73 -2.60 6.62
C ILE A 122 27.15 -1.17 6.37
N TRP A 123 28.28 -0.81 6.95
CA TRP A 123 28.84 0.53 6.90
C TRP A 123 30.17 0.53 6.16
N ILE A 124 30.54 1.71 5.72
CA ILE A 124 31.90 2.01 5.31
C ILE A 124 32.51 2.77 6.45
N HIS A 125 33.67 2.32 6.91
CA HIS A 125 34.27 3.00 8.04
C HIS A 125 35.77 2.84 7.95
N GLY A 126 36.46 3.09 9.06
CA GLY A 126 37.91 3.04 9.10
C GLY A 126 38.41 1.89 9.93
N TYR A 127 39.60 2.05 10.47
CA TYR A 127 40.30 1.04 11.25
C TYR A 127 40.30 1.40 12.73
N PRO A 128 40.39 0.42 13.62
CA PRO A 128 40.38 0.73 15.06
C PRO A 128 41.47 1.72 15.42
N LEU A 129 41.09 2.72 16.19
CA LEU A 129 42.00 3.77 16.59
C LEU A 129 43.10 3.26 17.50
N ASP A 130 42.88 2.15 18.21
CA ASP A 130 43.97 1.52 18.96
C ASP A 130 45.03 0.88 18.05
N GLY A 131 44.85 0.90 16.74
CA GLY A 131 45.83 0.34 15.82
C GLY A 131 45.75 -1.17 15.66
N SER A 132 44.73 -1.81 16.24
CA SER A 132 44.62 -3.26 16.15
C SER A 132 44.26 -3.70 14.72
N ARG A 133 44.44 -4.99 14.46
CA ARG A 133 44.37 -5.53 13.11
C ARG A 133 42.92 -5.76 12.67
N LEU A 134 42.65 -5.47 11.40
CA LEU A 134 41.40 -5.85 10.76
C LEU A 134 41.65 -6.93 9.73
N ASP A 135 40.60 -7.67 9.43
CA ASP A 135 40.63 -8.65 8.36
C ASP A 135 39.19 -8.94 7.97
N GLU A 136 39.02 -9.71 6.91
CA GLU A 136 37.69 -9.90 6.35
C GLU A 136 36.72 -10.53 7.33
N PHE A 137 37.21 -11.18 8.39
CA PHE A 137 36.29 -11.71 9.40
C PHE A 137 35.88 -10.68 10.45
N LYS A 138 36.64 -9.60 10.60
CA LYS A 138 36.40 -8.68 11.71
C LYS A 138 35.52 -7.49 11.33
N THR A 139 35.27 -7.24 10.04
CA THR A 139 34.44 -6.10 9.71
C THR A 139 32.95 -6.38 9.83
N ARG A 140 32.56 -7.64 10.01
CA ARG A 140 31.14 -8.01 10.06
C ARG A 140 30.42 -7.55 8.80
N GLY A 141 31.10 -7.64 7.66
CA GLY A 141 30.52 -7.29 6.38
C GLY A 141 30.71 -5.85 5.98
N CYS A 142 31.17 -5.01 6.88
CA CYS A 142 31.47 -3.63 6.54
C CYS A 142 32.69 -3.57 5.63
N ILE A 143 32.91 -2.38 5.08
CA ILE A 143 34.05 -2.09 4.21
C ILE A 143 34.93 -1.10 4.96
N ALA A 144 36.19 -1.45 5.16
CA ALA A 144 37.12 -0.61 5.90
C ALA A 144 38.08 0.06 4.93
N LEU A 145 38.20 1.38 5.04
CA LEU A 145 39.20 2.17 4.36
C LEU A 145 40.24 2.67 5.37
N PHE A 146 41.45 2.91 4.90
CA PHE A 146 42.51 3.42 5.77
C PHE A 146 42.06 4.72 6.40
N ASN A 147 42.38 4.93 7.69
CA ASN A 147 41.88 6.14 8.33
C ASN A 147 42.45 7.41 7.68
N ASN A 148 43.67 7.35 7.17
CA ASN A 148 44.25 8.51 6.48
C ASN A 148 43.62 8.77 5.12
N ASN A 149 42.74 7.89 4.64
CA ASN A 149 42.00 8.14 3.41
C ASN A 149 40.58 8.59 3.68
N LEU A 150 40.12 8.55 4.92
CA LEU A 150 38.69 8.73 5.15
C LEU A 150 38.27 10.19 5.05
N GLU A 151 39.17 11.12 5.35
CA GLU A 151 38.81 12.51 5.20
C GLU A 151 38.56 12.82 3.74
N LYS A 152 39.43 12.32 2.86
CA LYS A 152 39.19 12.52 1.44
C LYS A 152 37.91 11.83 1.00
N PHE A 153 37.67 10.59 1.45
CA PHE A 153 36.41 9.93 1.12
C PHE A 153 35.23 10.79 1.57
N ALA A 154 35.24 11.21 2.84
CA ALA A 154 34.18 12.04 3.38
C ALA A 154 33.97 13.29 2.52
N GLN A 155 35.06 13.91 2.08
CA GLN A 155 34.96 15.13 1.28
C GLN A 155 34.30 14.86 -0.06
N VAL A 156 34.64 13.72 -0.68
CA VAL A 156 34.12 13.43 -1.99
C VAL A 156 32.62 13.13 -1.94
N VAL A 157 32.13 12.52 -0.85
CA VAL A 157 30.73 12.12 -0.79
C VAL A 157 29.84 13.16 -0.12
N GLN A 158 30.44 14.18 0.48
CA GLN A 158 29.71 15.12 1.30
C GLN A 158 28.60 15.82 0.50
N ASP A 159 27.42 15.91 1.11
CA ASP A 159 26.31 16.68 0.56
C ASP A 159 25.89 16.18 -0.82
N LYS A 160 26.16 14.93 -1.16
CA LYS A 160 25.78 14.42 -2.46
C LYS A 160 24.75 13.32 -2.32
N LYS A 161 24.08 13.04 -3.43
CA LYS A 161 23.29 11.83 -3.56
C LYS A 161 24.26 10.71 -3.91
N VAL A 162 24.44 9.75 -3.01
CA VAL A 162 25.55 8.79 -3.10
C VAL A 162 24.99 7.37 -3.07
N PHE A 163 25.32 6.62 -4.11
CA PHE A 163 24.89 5.25 -4.28
C PHE A 163 26.08 4.33 -4.03
N VAL A 164 25.76 3.08 -3.77
CA VAL A 164 26.76 2.10 -3.36
C VAL A 164 26.59 0.92 -4.30
N MET A 165 27.63 0.60 -5.02
CA MET A 165 27.58 -0.47 -6.03
C MET A 165 28.67 -1.44 -5.66
N THR A 166 28.32 -2.62 -5.19
CA THR A 166 29.28 -3.59 -4.70
C THR A 166 29.22 -4.85 -5.56
N GLU A 167 30.33 -5.12 -6.24
CA GLU A 167 30.54 -6.30 -7.06
C GLU A 167 31.17 -7.41 -6.24
N GLU A 168 30.88 -8.65 -6.60
CA GLU A 168 31.53 -9.78 -5.97
C GLU A 168 32.88 -10.06 -6.64
N LYS A 169 32.85 -10.33 -7.94
CA LYS A 169 34.07 -10.59 -8.69
C LYS A 169 33.98 -9.97 -10.07
N GLU A 170 32.94 -10.32 -10.81
CA GLU A 170 32.75 -9.84 -12.17
C GLU A 170 32.51 -8.35 -12.18
N LYS A 171 33.12 -7.69 -13.16
CA LYS A 171 32.91 -6.29 -13.47
C LYS A 171 31.54 -6.12 -14.12
N ILE A 172 30.63 -5.43 -13.43
CA ILE A 172 29.25 -5.28 -13.88
C ILE A 172 29.07 -3.85 -14.35
N ARG A 173 28.63 -3.69 -15.59
CA ARG A 173 28.37 -2.37 -16.14
C ARG A 173 27.06 -2.38 -16.91
N ALA A 174 26.36 -1.26 -16.80
CA ALA A 174 25.16 -1.04 -17.58
C ALA A 174 25.51 -0.91 -19.05
N LYS A 175 24.55 -1.26 -19.89
CA LYS A 175 24.68 -1.16 -21.34
C LYS A 175 23.57 -0.26 -21.87
N LYS A 176 23.90 0.56 -22.87
CA LYS A 176 22.96 1.53 -23.39
C LYS A 176 21.66 0.87 -23.85
N ASP A 177 21.78 -0.25 -24.58
CA ASP A 177 20.61 -0.95 -25.09
C ASP A 177 19.72 -1.45 -23.98
N GLN A 178 20.33 -1.95 -22.90
CA GLN A 178 19.57 -2.43 -21.76
C GLN A 178 18.84 -1.31 -21.05
N ILE A 179 19.52 -0.19 -20.80
CA ILE A 179 18.86 0.92 -20.14
C ILE A 179 17.69 1.42 -20.97
N ALA A 180 17.92 1.55 -22.28
CA ALA A 180 16.89 2.07 -23.17
C ALA A 180 15.68 1.16 -23.21
N SER A 181 15.91 -0.17 -23.31
CA SER A 181 14.76 -1.06 -23.33
C SER A 181 14.07 -1.12 -21.98
N LEU A 182 14.83 -1.00 -20.88
CA LEU A 182 14.18 -0.98 -19.57
C LEU A 182 13.33 0.27 -19.41
N LEU A 183 13.79 1.41 -19.90
CA LEU A 183 12.99 2.61 -19.76
C LEU A 183 11.76 2.53 -20.64
N ALA A 184 11.90 1.96 -21.85
CA ALA A 184 10.74 1.73 -22.69
C ALA A 184 9.73 0.85 -21.98
N ASP A 185 10.23 -0.22 -21.33
CA ASP A 185 9.35 -1.10 -20.60
C ASP A 185 8.74 -0.39 -19.40
N LEU A 186 9.52 0.45 -18.71
CA LEU A 186 8.99 1.18 -17.56
C LEU A 186 7.74 1.97 -17.94
N PHE A 187 7.80 2.70 -19.05
CA PHE A 187 6.65 3.50 -19.46
C PHE A 187 5.58 2.67 -20.13
N THR A 188 5.92 1.51 -20.67
CA THR A 188 4.87 0.62 -21.15
C THR A 188 4.09 0.06 -19.97
N TRP A 189 4.82 -0.28 -18.91
CA TRP A 189 4.21 -0.67 -17.65
C TRP A 189 3.34 0.45 -17.09
N LYS A 190 3.81 1.70 -17.17
CA LYS A 190 3.04 2.81 -16.64
C LYS A 190 1.73 2.95 -17.41
N LEU A 191 1.79 2.71 -18.72
CA LEU A 191 0.59 2.81 -19.56
C LEU A 191 -0.41 1.74 -19.18
N ALA A 192 0.05 0.51 -18.98
CA ALA A 192 -0.83 -0.57 -18.55
C ALA A 192 -1.46 -0.24 -17.21
N TRP A 193 -0.66 0.31 -16.30
CA TRP A 193 -1.17 0.68 -15.01
C TRP A 193 -2.20 1.79 -15.15
N THR A 194 -1.86 2.81 -15.92
CA THR A 194 -2.78 3.92 -16.21
C THR A 194 -4.10 3.39 -16.77
N ASN A 195 -4.02 2.48 -17.73
CA ASN A 195 -5.21 2.01 -18.44
C ASN A 195 -5.88 0.83 -17.76
N SER A 196 -5.40 0.47 -16.58
CA SER A 196 -5.87 -0.72 -15.86
C SER A 196 -5.90 -1.94 -16.76
N ASP A 197 -4.92 -2.03 -17.65
CA ASP A 197 -4.68 -3.23 -18.46
C ASP A 197 -3.92 -4.24 -17.60
N THR A 198 -4.71 -5.04 -16.87
CA THR A 198 -4.14 -5.95 -15.88
C THR A 198 -3.19 -6.96 -16.51
N ASN A 199 -3.57 -7.57 -17.63
CA ASN A 199 -2.71 -8.64 -18.15
C ASN A 199 -1.36 -8.10 -18.61
N THR A 200 -1.34 -6.96 -19.27
CA THR A 200 -0.06 -6.35 -19.66
C THR A 200 0.73 -5.91 -18.44
N TYR A 201 0.07 -5.25 -17.50
CA TYR A 201 0.72 -4.85 -16.25
C TYR A 201 1.40 -6.02 -15.57
N LEU A 202 0.65 -7.10 -15.34
CA LEU A 202 1.20 -8.25 -14.63
C LEU A 202 2.32 -8.90 -15.41
N SER A 203 2.33 -8.77 -16.74
CA SER A 203 3.37 -9.41 -17.55
C SER A 203 4.74 -8.80 -17.31
N PHE A 204 4.82 -7.63 -16.66
CA PHE A 204 6.09 -7.02 -16.30
C PHE A 204 6.61 -7.48 -14.95
N TYR A 205 5.93 -8.41 -14.29
CA TYR A 205 6.38 -8.95 -13.03
C TYR A 205 6.87 -10.37 -13.23
N ASP A 206 7.93 -10.73 -12.51
CA ASP A 206 8.45 -12.09 -12.56
C ASP A 206 7.47 -13.01 -11.85
N GLU A 207 6.70 -13.78 -12.61
CA GLU A 207 5.69 -14.61 -11.96
C GLU A 207 6.32 -15.59 -10.98
N GLN A 208 7.55 -16.01 -11.26
CA GLN A 208 8.22 -16.98 -10.41
C GLN A 208 8.77 -16.35 -9.13
N GLU A 209 9.37 -15.16 -9.24
CA GLU A 209 10.20 -14.61 -8.16
C GLU A 209 9.71 -13.29 -7.55
N PHE A 210 8.77 -12.59 -8.17
CA PHE A 210 8.35 -11.30 -7.65
C PHE A 210 7.69 -11.45 -6.29
N LYS A 211 8.08 -10.61 -5.34
CA LYS A 211 7.50 -10.66 -4.00
C LYS A 211 7.37 -9.27 -3.45
N ARG A 212 6.28 -9.03 -2.71
CA ARG A 212 6.12 -7.80 -1.95
C ARG A 212 6.46 -7.98 -0.48
N PHE A 213 6.50 -9.21 -0.01
CA PHE A 213 6.85 -9.55 1.36
C PHE A 213 7.29 -11.00 1.33
N ASP A 214 7.97 -11.41 2.40
CA ASP A 214 8.57 -12.75 2.44
C ASP A 214 7.53 -13.83 2.17
N LYS A 215 7.81 -14.68 1.18
CA LYS A 215 7.01 -15.86 0.87
C LYS A 215 5.65 -15.53 0.26
N MET A 216 5.44 -14.29 -0.19
CA MET A 216 4.23 -13.97 -0.94
C MET A 216 4.11 -14.88 -2.16
N LYS A 217 2.87 -15.27 -2.48
CA LYS A 217 2.56 -16.03 -3.69
C LYS A 217 2.06 -15.08 -4.78
N PHE A 218 2.38 -15.41 -6.02
CA PHE A 218 2.07 -14.50 -7.10
C PHE A 218 0.57 -14.36 -7.34
N GLU A 219 -0.22 -15.41 -7.12
CA GLU A 219 -1.66 -15.29 -7.33
C GLU A 219 -2.31 -14.35 -6.31
N GLN A 220 -1.82 -14.34 -5.08
CA GLN A 220 -2.29 -13.35 -4.12
C GLN A 220 -2.18 -11.95 -4.71
N PHE A 221 -1.12 -11.71 -5.46
CA PHE A 221 -0.87 -10.42 -6.08
C PHE A 221 -1.74 -10.22 -7.32
N ALA A 222 -1.71 -11.19 -8.23
CA ALA A 222 -2.47 -11.07 -9.47
C ALA A 222 -3.96 -10.91 -9.18
N SER A 223 -4.49 -11.74 -8.27
CA SER A 223 -5.90 -11.68 -7.93
C SER A 223 -6.25 -10.32 -7.37
N MET A 224 -5.40 -9.77 -6.51
CA MET A 224 -5.68 -8.47 -5.94
C MET A 224 -5.66 -7.39 -7.02
N LYS A 225 -4.67 -7.44 -7.91
CA LYS A 225 -4.58 -6.44 -8.96
C LYS A 225 -5.75 -6.55 -9.94
N LYS A 226 -6.13 -7.77 -10.30
CA LYS A 226 -7.28 -7.93 -11.18
C LYS A 226 -8.51 -7.27 -10.57
N SER A 227 -8.72 -7.50 -9.28
CA SER A 227 -9.85 -6.90 -8.60
C SER A 227 -9.74 -5.39 -8.59
N ILE A 228 -8.58 -4.86 -8.19
CA ILE A 228 -8.40 -3.42 -8.12
C ILE A 228 -8.53 -2.79 -9.50
N PHE A 229 -7.93 -3.41 -10.53
CA PHE A 229 -7.93 -2.81 -11.86
C PHE A 229 -9.29 -2.90 -12.54
N SER A 230 -10.20 -3.75 -12.07
CA SER A 230 -11.51 -3.88 -12.70
C SER A 230 -12.34 -2.63 -12.59
N ARG A 231 -11.96 -1.69 -11.72
N ARG A 231 -11.95 -1.68 -11.72
CA ARG A 231 -12.70 -0.43 -11.53
CA ARG A 231 -12.69 -0.43 -11.53
C ARG A 231 -12.48 0.56 -12.66
C ARG A 231 -12.51 0.52 -12.71
N LYS A 232 -11.40 0.41 -13.42
CA LYS A 232 -11.17 1.16 -14.67
C LYS A 232 -11.26 2.67 -14.47
N GLU A 233 -10.92 3.15 -13.28
CA GLU A 233 -10.98 4.58 -13.03
C GLU A 233 -9.92 5.31 -13.83
N ASP A 234 -10.20 6.56 -14.15
CA ASP A 234 -9.24 7.39 -14.87
C ASP A 234 -8.04 7.64 -13.96
N LYS A 235 -6.85 7.38 -14.48
CA LYS A 235 -5.62 7.58 -13.73
C LYS A 235 -4.74 8.52 -14.52
N LYS A 236 -3.95 9.32 -13.81
CA LYS A 236 -2.86 10.05 -14.41
C LYS A 236 -1.62 9.79 -13.56
N ILE A 237 -0.57 9.28 -14.19
CA ILE A 237 0.61 8.84 -13.48
C ILE A 237 1.83 9.45 -14.14
N LYS A 238 2.70 10.05 -13.33
CA LYS A 238 3.90 10.70 -13.79
C LYS A 238 5.09 10.09 -13.07
N PHE A 239 6.11 9.73 -13.85
CA PHE A 239 7.38 9.26 -13.36
C PHE A 239 8.39 10.37 -13.60
N SER A 240 9.27 10.58 -12.65
CA SER A 240 10.30 11.59 -12.83
C SER A 240 11.51 11.18 -12.01
N ASP A 241 12.59 11.94 -12.18
CA ASP A 241 13.83 11.79 -11.43
C ASP A 241 14.35 10.37 -11.55
N ILE A 242 14.38 9.88 -12.79
CA ILE A 242 14.70 8.47 -13.01
C ILE A 242 16.20 8.23 -12.87
N ASN A 243 16.57 7.28 -12.01
CA ASN A 243 17.96 6.90 -11.78
C ASN A 243 17.98 5.38 -11.94
N ILE A 244 18.58 4.90 -13.03
CA ILE A 244 18.57 3.48 -13.34
C ILE A 244 20.00 2.98 -13.27
N SER A 245 20.20 1.91 -12.51
CA SER A 245 21.53 1.50 -12.12
C SER A 245 21.73 0.00 -12.37
N PRO A 246 22.91 -0.40 -12.83
CA PRO A 246 23.19 -1.83 -12.88
C PRO A 246 23.29 -2.37 -11.47
N TYR A 247 22.85 -3.62 -11.34
CA TYR A 247 22.66 -4.24 -10.03
C TYR A 247 23.47 -5.53 -10.01
N PRO A 248 24.68 -5.51 -9.46
CA PRO A 248 25.48 -6.75 -9.42
C PRO A 248 24.76 -7.81 -8.59
N ASN A 249 24.88 -9.05 -9.03
CA ASN A 249 24.21 -10.14 -8.36
C ASN A 249 24.97 -11.43 -8.63
N LEU A 250 24.65 -12.46 -7.84
CA LEU A 250 25.23 -13.78 -8.04
C LEU A 250 24.19 -14.79 -8.51
N GLU A 251 23.10 -14.32 -9.09
CA GLU A 251 22.02 -15.19 -9.56
C GLU A 251 22.11 -15.46 -11.06
N ASN A 252 23.22 -15.07 -11.70
CA ASN A 252 23.38 -15.14 -13.15
C ASN A 252 22.20 -14.48 -13.85
N GLU A 253 21.80 -13.33 -13.33
CA GLU A 253 20.77 -12.50 -13.95
C GLU A 253 21.38 -11.16 -14.33
N THR A 254 20.81 -10.55 -15.34
CA THR A 254 21.05 -9.16 -15.65
C THR A 254 20.02 -8.33 -14.89
N MET A 255 20.47 -7.64 -13.87
CA MET A 255 19.60 -6.93 -12.96
C MET A 255 19.90 -5.44 -12.96
N TYR A 256 18.84 -4.68 -12.74
CA TYR A 256 18.93 -3.23 -12.62
C TYR A 256 18.04 -2.77 -11.47
N ARG A 257 18.39 -1.63 -10.90
CA ARG A 257 17.53 -0.88 -9.99
C ARG A 257 17.01 0.33 -10.75
N ILE A 258 15.70 0.55 -10.69
CA ILE A 258 15.09 1.70 -11.35
C ILE A 258 14.43 2.48 -10.23
N SER A 259 15.04 3.58 -9.82
CA SER A 259 14.46 4.44 -8.81
C SER A 259 13.93 5.67 -9.51
N PHE A 260 12.77 6.14 -9.08
CA PHE A 260 12.10 7.23 -9.74
C PHE A 260 11.06 7.77 -8.79
N TYR A 261 10.68 9.00 -9.06
CA TYR A 261 9.60 9.62 -8.31
C TYR A 261 8.28 9.35 -9.02
N GLU A 262 7.29 8.94 -8.25
CA GLU A 262 5.99 8.51 -8.73
C GLU A 262 4.96 9.52 -8.27
N ASP A 263 4.13 9.98 -9.20
CA ASP A 263 3.09 10.95 -8.94
C ASP A 263 1.81 10.43 -9.56
N TYR A 264 0.83 10.09 -8.71
CA TYR A 264 -0.34 9.31 -9.08
C TYR A 264 -1.58 10.10 -8.71
N TYR A 265 -2.47 10.26 -9.67
CA TYR A 265 -3.72 10.99 -9.48
C TYR A 265 -4.89 10.14 -9.95
N THR A 266 -5.86 9.97 -9.06
CA THR A 266 -7.25 9.68 -9.40
C THR A 266 -8.11 10.67 -8.64
N LYS A 267 -9.38 10.73 -9.03
CA LYS A 267 -10.30 11.65 -8.37
C LYS A 267 -10.30 11.46 -6.85
N ASN A 268 -10.41 10.23 -6.36
CA ASN A 268 -10.59 9.96 -4.94
C ASN A 268 -9.30 9.60 -4.20
N TYR A 269 -8.21 9.37 -4.91
CA TYR A 269 -7.00 8.86 -4.27
C TYR A 269 -5.82 9.44 -5.03
N GLN A 270 -4.95 10.18 -4.34
CA GLN A 270 -3.69 10.63 -4.91
C GLN A 270 -2.55 10.25 -4.00
N PHE A 271 -1.40 9.90 -4.59
CA PHE A 271 -0.20 9.73 -3.80
C PHE A 271 1.00 10.16 -4.63
N ARG A 272 2.08 10.51 -3.94
CA ARG A 272 3.34 10.72 -4.64
C ARG A 272 4.48 10.39 -3.68
N GLY A 273 5.57 9.90 -4.24
CA GLY A 273 6.69 9.55 -3.39
C GLY A 273 7.75 8.80 -4.17
N ASP A 274 8.81 8.46 -3.45
CA ASP A 274 9.94 7.74 -4.04
C ASP A 274 9.52 6.32 -4.33
N ALA A 275 9.76 5.88 -5.56
CA ALA A 275 9.41 4.54 -5.99
C ALA A 275 10.69 3.83 -6.41
N ILE A 276 10.67 2.50 -6.35
CA ILE A 276 11.79 1.71 -6.83
C ILE A 276 11.28 0.42 -7.44
N LEU A 277 11.84 0.05 -8.59
CA LEU A 277 11.72 -1.30 -9.11
C LEU A 277 13.09 -1.94 -9.08
N TYR A 278 13.16 -3.14 -8.52
CA TYR A 278 14.32 -4.00 -8.69
C TYR A 278 13.92 -5.01 -9.74
N VAL A 279 14.67 -5.09 -10.84
CA VAL A 279 14.23 -5.83 -12.01
C VAL A 279 15.37 -6.66 -12.55
N LYS A 280 15.00 -7.73 -13.25
CA LYS A 280 15.89 -8.42 -14.15
C LYS A 280 15.42 -8.16 -15.57
N ILE A 281 16.36 -8.25 -16.50
CA ILE A 281 16.03 -8.35 -17.91
C ILE A 281 15.91 -9.84 -18.23
N ASP A 282 14.74 -10.27 -18.73
CA ASP A 282 14.57 -11.69 -18.94
C ASP A 282 15.26 -12.10 -20.23
N SER A 283 15.16 -13.40 -20.54
CA SER A 283 15.89 -13.96 -21.68
C SER A 283 15.46 -13.35 -23.01
N LYS A 284 14.27 -12.77 -23.06
CA LYS A 284 13.73 -12.13 -24.26
C LYS A 284 14.01 -10.63 -24.28
N GLY A 285 14.77 -10.12 -23.32
CA GLY A 285 15.07 -8.69 -23.23
C GLY A 285 14.00 -7.85 -22.54
N LYS A 286 13.07 -8.48 -21.84
CA LYS A 286 11.97 -7.74 -21.22
C LYS A 286 12.16 -7.54 -19.72
N MET A 287 11.74 -6.37 -19.26
CA MET A 287 11.76 -6.08 -17.84
C MET A 287 10.88 -7.05 -17.09
N LYS A 288 11.40 -7.58 -15.99
CA LYS A 288 10.62 -8.44 -15.11
C LYS A 288 10.91 -7.96 -13.70
N ILE A 289 9.88 -7.44 -13.05
CA ILE A 289 10.00 -6.83 -11.73
C ILE A 289 10.11 -7.91 -10.68
N LEU A 290 11.08 -7.74 -9.80
CA LEU A 290 11.34 -8.65 -8.69
C LEU A 290 10.91 -8.08 -7.35
N ALA A 291 10.94 -6.77 -7.21
CA ALA A 291 10.49 -6.10 -6.01
C ALA A 291 10.09 -4.70 -6.42
N GLU A 292 9.05 -4.19 -5.78
CA GLU A 292 8.51 -2.90 -6.13
C GLU A 292 8.21 -2.10 -4.87
N GLN A 293 8.76 -0.89 -4.80
CA GLN A 293 8.32 0.13 -3.85
C GLN A 293 7.44 1.12 -4.59
N VAL B 4 -11.63 23.64 22.66
CA VAL B 4 -11.18 22.26 22.55
C VAL B 4 -9.75 22.13 23.10
N PRO B 5 -9.62 21.71 24.35
CA PRO B 5 -8.28 21.54 24.94
C PRO B 5 -7.45 20.49 24.21
N ARG B 6 -6.14 20.66 24.32
CA ARG B 6 -5.18 19.71 23.77
C ARG B 6 -5.54 18.28 24.18
N GLY B 7 -5.55 17.39 23.19
CA GLY B 7 -5.78 15.97 23.40
C GLY B 7 -7.24 15.57 23.47
N SER B 8 -8.16 16.51 23.31
CA SER B 8 -9.58 16.22 23.49
C SER B 8 -10.05 15.09 22.56
N HIS B 9 -9.56 15.08 21.32
CA HIS B 9 -10.09 14.10 20.36
C HIS B 9 -9.76 12.68 20.77
N MET B 10 -8.82 12.50 21.70
CA MET B 10 -8.46 11.19 22.22
C MET B 10 -9.21 10.87 23.51
N GLN B 11 -10.21 11.68 23.85
CA GLN B 11 -11.00 11.53 25.07
C GLN B 11 -12.40 11.11 24.67
N LYS B 12 -12.85 9.99 25.22
CA LYS B 12 -14.24 9.57 25.04
C LYS B 12 -15.22 10.69 25.41
N ASP B 13 -14.96 11.40 26.51
CA ASP B 13 -15.93 12.38 26.98
C ASP B 13 -16.11 13.55 26.00
N PHE B 14 -15.05 13.93 25.28
CA PHE B 14 -15.21 14.94 24.24
C PHE B 14 -16.23 14.49 23.19
N TRP B 15 -16.10 13.26 22.71
CA TRP B 15 -17.03 12.77 21.70
C TRP B 15 -18.43 12.60 22.29
N LEU B 16 -18.54 12.24 23.57
CA LEU B 16 -19.88 12.20 24.17
C LEU B 16 -20.50 13.58 24.15
N SER B 17 -19.69 14.60 24.41
CA SER B 17 -20.21 15.96 24.38
C SER B 17 -20.62 16.35 22.98
N GLU B 18 -19.82 15.94 21.99
CA GLU B 18 -20.12 16.26 20.60
C GLU B 18 -21.41 15.57 20.16
N ILE B 19 -21.58 14.32 20.55
CA ILE B 19 -22.77 13.57 20.17
C ILE B 19 -24.01 14.15 20.83
N GLY B 20 -23.89 14.45 22.11
CA GLY B 20 -24.99 15.00 22.86
C GLY B 20 -26.20 14.11 22.85
N ASP B 21 -27.34 14.70 22.54
N ASP B 21 -27.35 14.69 22.54
CA ASP B 21 -28.61 14.00 22.49
CA ASP B 21 -28.60 13.97 22.49
C ASP B 21 -28.93 13.46 21.10
C ASP B 21 -28.96 13.53 21.07
N LYS B 22 -28.00 13.53 20.16
CA LYS B 22 -28.26 13.05 18.81
C LYS B 22 -28.68 11.58 18.80
N ASN B 23 -29.52 11.23 17.84
CA ASN B 23 -29.87 9.84 17.61
C ASN B 23 -28.79 9.24 16.71
N ILE B 24 -27.84 8.53 17.32
CA ILE B 24 -26.74 7.90 16.58
C ILE B 24 -26.96 6.39 16.43
N SER B 25 -28.17 5.93 16.71
CA SER B 25 -28.42 4.48 16.75
C SER B 25 -28.12 3.80 15.41
N LEU B 26 -28.18 4.53 14.30
CA LEU B 26 -27.83 3.93 13.01
C LEU B 26 -26.49 4.43 12.52
N GLY B 27 -25.74 5.09 13.41
CA GLY B 27 -24.46 5.66 13.06
C GLY B 27 -24.43 7.14 13.37
N TYR B 28 -23.22 7.66 13.44
CA TYR B 28 -22.93 9.07 13.67
C TYR B 28 -22.28 9.61 12.39
N TYR B 29 -22.99 10.52 11.73
CA TYR B 29 -22.64 11.00 10.39
C TYR B 29 -22.39 12.49 10.38
N ASP B 30 -21.51 12.92 9.49
CA ASP B 30 -21.11 14.32 9.34
C ASP B 30 -21.89 15.04 8.26
N ASP B 31 -22.91 14.42 7.69
CA ASP B 31 -23.70 15.01 6.62
C ASP B 31 -25.11 14.40 6.66
N ASN B 32 -25.99 14.97 5.87
CA ASN B 32 -27.30 14.35 5.70
C ASN B 32 -27.15 13.11 4.84
N VAL B 33 -27.55 11.97 5.37
CA VAL B 33 -27.41 10.71 4.66
C VAL B 33 -28.69 9.92 4.81
N ALA B 34 -28.80 8.86 4.04
CA ALA B 34 -29.90 7.93 4.17
C ALA B 34 -29.33 6.55 4.47
N ILE B 35 -30.04 5.80 5.31
CA ILE B 35 -29.65 4.41 5.63
C ILE B 35 -30.79 3.52 5.19
N VAL B 36 -30.49 2.62 4.27
CA VAL B 36 -31.39 1.56 3.87
C VAL B 36 -31.18 0.42 4.84
N LEU B 37 -32.14 0.21 5.72
CA LEU B 37 -32.02 -0.75 6.80
C LEU B 37 -32.94 -1.92 6.48
N THR B 38 -32.35 -3.09 6.33
CA THR B 38 -33.07 -4.31 6.02
C THR B 38 -32.83 -5.31 7.12
N ASN B 39 -33.89 -5.98 7.56
CA ASN B 39 -33.77 -7.12 8.47
C ASN B 39 -34.23 -8.38 7.74
N LYS B 40 -33.28 -9.31 7.55
CA LYS B 40 -33.56 -10.51 6.77
C LYS B 40 -34.58 -11.40 7.43
N THR B 41 -34.69 -11.36 8.75
CA THR B 41 -35.66 -12.21 9.42
C THR B 41 -37.07 -11.61 9.36
N ASP B 42 -37.22 -10.33 9.72
CA ASP B 42 -38.52 -9.65 9.69
C ASP B 42 -39.03 -9.39 8.29
N LYS B 43 -38.16 -9.40 7.28
CA LYS B 43 -38.53 -9.12 5.89
C LYS B 43 -39.07 -7.71 5.73
N ILE B 44 -38.41 -6.76 6.40
CA ILE B 44 -38.79 -5.35 6.36
C ILE B 44 -37.58 -4.57 5.89
N LEU B 45 -37.79 -3.69 4.91
CA LEU B 45 -36.79 -2.74 4.45
C LEU B 45 -37.32 -1.35 4.76
N ARG B 46 -36.48 -0.53 5.37
CA ARG B 46 -36.81 0.87 5.65
C ARG B 46 -35.69 1.75 5.16
N VAL B 47 -36.04 2.98 4.81
CA VAL B 47 -35.04 4.01 4.52
C VAL B 47 -35.20 5.08 5.59
N TYR B 48 -34.14 5.28 6.36
CA TYR B 48 -34.09 6.34 7.34
C TYR B 48 -33.20 7.44 6.80
N SER B 49 -33.64 8.67 6.97
CA SER B 49 -32.77 9.80 6.71
C SER B 49 -32.19 10.27 8.03
N TYR B 50 -30.93 10.69 7.98
CA TYR B 50 -30.20 11.16 9.13
C TYR B 50 -29.83 12.61 8.83
N GLU B 51 -30.28 13.51 9.68
CA GLU B 51 -29.98 14.94 9.53
C GLU B 51 -29.60 15.46 10.91
N ASP B 52 -28.29 15.66 11.11
CA ASP B 52 -27.72 16.19 12.34
C ASP B 52 -28.33 15.53 13.58
N GLY B 53 -28.38 14.21 13.56
CA GLY B 53 -28.81 13.47 14.74
C GLY B 53 -30.30 13.28 14.88
N LYS B 54 -31.09 13.70 13.90
CA LYS B 54 -32.50 13.37 13.86
C LYS B 54 -32.70 12.31 12.78
N ILE B 55 -33.37 11.24 13.14
CA ILE B 55 -33.66 10.11 12.24
C ILE B 55 -35.12 10.22 11.85
N ARG B 56 -35.41 10.11 10.56
CA ARG B 56 -36.78 10.08 10.08
C ARG B 56 -36.95 8.91 9.10
N LYS B 57 -38.04 8.19 9.25
CA LYS B 57 -38.36 7.04 8.39
C LYS B 57 -39.04 7.54 7.13
N ASP B 58 -38.33 7.46 6.00
CA ASP B 58 -38.80 7.98 4.72
C ASP B 58 -39.44 6.92 3.84
N PHE B 59 -39.30 5.65 4.20
CA PHE B 59 -39.79 4.58 3.35
C PHE B 59 -39.84 3.31 4.19
N GLU B 60 -40.85 2.49 3.93
CA GLU B 60 -40.98 1.20 4.59
C GLU B 60 -41.74 0.25 3.68
N GLN B 61 -41.24 -0.98 3.57
CA GLN B 61 -42.05 -2.03 3.01
C GLN B 61 -41.86 -3.29 3.82
N LYS B 62 -42.96 -3.90 4.20
CA LYS B 62 -42.91 -5.21 4.81
C LYS B 62 -43.08 -6.28 3.74
N GLU B 63 -42.82 -7.52 4.17
CA GLU B 63 -42.92 -8.68 3.30
C GLU B 63 -42.03 -8.52 2.08
N ILE B 64 -40.83 -7.99 2.29
CA ILE B 64 -39.84 -7.98 1.22
C ILE B 64 -39.39 -9.40 0.94
N ILE B 65 -38.65 -9.58 -0.15
CA ILE B 65 -37.98 -10.83 -0.45
C ILE B 65 -36.49 -10.56 -0.43
N THR B 66 -35.81 -11.20 0.50
CA THR B 66 -34.37 -11.20 0.49
C THR B 66 -33.92 -12.55 -0.03
N GLY B 67 -32.61 -12.73 -0.11
CA GLY B 67 -32.06 -14.04 -0.37
C GLY B 67 -31.99 -14.85 0.91
N LEU B 68 -31.17 -15.89 0.88
CA LEU B 68 -31.17 -16.85 1.96
C LEU B 68 -30.52 -16.28 3.22
N MET B 69 -30.79 -16.95 4.33
CA MET B 69 -30.23 -16.59 5.63
C MET B 69 -28.80 -17.09 5.74
N GLY B 70 -28.13 -16.70 6.82
CA GLY B 70 -26.70 -16.84 6.92
C GLY B 70 -25.98 -15.69 6.22
N ASP B 71 -24.75 -15.44 6.63
CA ASP B 71 -24.00 -14.37 5.98
C ASP B 71 -23.47 -14.90 4.67
N LYS B 72 -23.45 -14.05 3.66
CA LYS B 72 -22.91 -14.43 2.38
C LYS B 72 -21.42 -14.70 2.49
N LYS B 73 -20.98 -15.78 1.83
CA LYS B 73 -19.57 -16.18 1.82
C LYS B 73 -19.00 -16.31 0.42
N ILE B 74 -19.79 -16.82 -0.54
CA ILE B 74 -19.27 -17.16 -1.84
C ILE B 74 -20.29 -16.89 -2.93
N GLU B 75 -19.76 -16.67 -4.12
CA GLU B 75 -20.58 -16.65 -5.33
C GLU B 75 -21.52 -17.85 -5.35
N GLY B 76 -22.77 -17.60 -5.65
CA GLY B 76 -23.74 -18.65 -5.83
C GLY B 76 -24.36 -19.21 -4.58
N ASP B 77 -24.01 -18.72 -3.38
CA ASP B 77 -24.64 -19.30 -2.19
C ASP B 77 -26.02 -18.70 -1.92
N LEU B 78 -26.46 -17.74 -2.73
CA LEU B 78 -27.81 -17.17 -2.70
C LEU B 78 -28.12 -16.39 -1.43
N LYS B 79 -27.13 -16.09 -0.62
CA LYS B 79 -27.35 -15.40 0.65
C LYS B 79 -27.31 -13.89 0.45
N THR B 80 -28.14 -13.21 1.21
CA THR B 80 -28.04 -11.77 1.29
C THR B 80 -26.99 -11.41 2.33
N PRO B 81 -26.01 -10.58 1.96
CA PRO B 81 -24.96 -10.21 2.91
C PRO B 81 -25.50 -9.46 4.11
N VAL B 82 -24.93 -9.78 5.26
CA VAL B 82 -25.15 -9.08 6.52
C VAL B 82 -23.98 -8.13 6.73
N GLY B 83 -24.27 -6.88 7.03
CA GLY B 83 -23.21 -5.92 7.31
C GLY B 83 -23.60 -4.53 6.87
N PHE B 84 -22.58 -3.72 6.61
CA PHE B 84 -22.78 -2.29 6.32
C PHE B 84 -22.08 -2.01 5.00
N TYR B 85 -22.83 -1.45 4.06
CA TYR B 85 -22.47 -1.30 2.67
C TYR B 85 -22.95 0.06 2.24
N GLU B 86 -22.84 0.33 0.95
CA GLU B 86 -23.36 1.54 0.36
C GLU B 86 -24.18 1.15 -0.84
N LEU B 87 -24.99 2.11 -1.26
CA LEU B 87 -25.89 1.94 -2.38
C LEU B 87 -25.51 2.88 -3.52
N GLY B 88 -25.36 2.31 -4.71
CA GLY B 88 -25.11 3.10 -5.90
C GLY B 88 -26.36 3.66 -6.52
N ARG B 89 -26.15 4.40 -7.60
CA ARG B 89 -27.23 5.12 -8.25
C ARG B 89 -28.12 4.17 -9.01
N LYS B 90 -29.39 4.53 -9.07
CA LYS B 90 -30.36 3.87 -9.93
C LYS B 90 -29.79 3.62 -11.33
N PHE B 91 -29.98 2.40 -11.83
CA PHE B 91 -29.61 2.12 -13.21
C PHE B 91 -30.57 1.10 -13.79
N ASN B 92 -30.52 0.96 -15.11
CA ASN B 92 -31.39 0.03 -15.82
C ASN B 92 -30.57 -1.18 -16.22
N PRO B 93 -30.73 -2.34 -15.58
CA PRO B 93 -29.87 -3.48 -15.89
C PRO B 93 -30.17 -4.14 -17.23
N GLY B 94 -31.20 -3.68 -17.93
CA GLY B 94 -31.48 -4.18 -19.27
C GLY B 94 -32.15 -5.52 -19.33
N ASP B 95 -32.83 -5.93 -18.26
CA ASP B 95 -33.51 -7.21 -18.19
C ASP B 95 -34.75 -7.00 -17.36
N PRO B 96 -35.94 -7.21 -17.92
CA PRO B 96 -37.16 -6.94 -17.17
C PRO B 96 -37.35 -7.86 -16.00
N TYR B 97 -36.51 -8.88 -15.84
CA TYR B 97 -36.64 -9.75 -14.68
C TYR B 97 -36.47 -8.94 -13.39
N TYR B 98 -35.63 -7.92 -13.43
CA TYR B 98 -35.30 -7.14 -12.24
C TYR B 98 -36.34 -6.06 -11.91
N GLY B 99 -37.40 -5.92 -12.70
CA GLY B 99 -38.35 -4.85 -12.49
C GLY B 99 -37.92 -3.60 -13.22
N PRO B 100 -38.37 -2.42 -12.76
CA PRO B 100 -38.14 -1.20 -13.57
C PRO B 100 -36.71 -0.68 -13.52
N PHE B 101 -35.96 -0.99 -12.48
CA PHE B 101 -34.60 -0.53 -12.36
C PHE B 101 -34.01 -1.19 -11.14
N ALA B 102 -32.73 -0.95 -10.87
CA ALA B 102 -32.06 -1.57 -9.74
C ALA B 102 -31.06 -0.61 -9.14
N PHE B 103 -30.54 -1.03 -7.99
CA PHE B 103 -29.54 -0.26 -7.24
C PHE B 103 -28.53 -1.25 -6.72
N ALA B 104 -27.26 -1.03 -7.03
CA ALA B 104 -26.22 -1.96 -6.60
C ALA B 104 -25.70 -1.60 -5.21
N THR B 105 -25.65 -2.59 -4.32
CA THR B 105 -24.89 -2.42 -3.09
C THR B 105 -23.45 -2.74 -3.39
N THR B 106 -22.58 -2.39 -2.45
CA THR B 106 -21.15 -2.50 -2.60
C THR B 106 -20.58 -3.84 -2.12
N TYR B 107 -21.41 -4.87 -1.96
CA TYR B 107 -20.85 -6.18 -1.63
C TYR B 107 -19.99 -6.67 -2.79
N PRO B 108 -18.80 -7.24 -2.53
CA PRO B 108 -18.13 -7.42 -1.25
C PRO B 108 -17.43 -6.15 -0.84
N ASN B 109 -17.50 -5.80 0.42
CA ASN B 109 -16.71 -4.68 0.90
C ASN B 109 -15.31 -5.17 1.30
N LEU B 110 -14.47 -4.26 1.80
CA LEU B 110 -13.09 -4.64 2.08
C LEU B 110 -13.02 -5.75 3.11
N LEU B 111 -13.85 -5.67 4.14
CA LEU B 111 -13.82 -6.72 5.15
C LEU B 111 -14.18 -8.05 4.51
N ASP B 112 -15.24 -8.06 3.71
CA ASP B 112 -15.60 -9.25 2.96
C ASP B 112 -14.41 -9.76 2.16
N LYS B 113 -13.76 -8.87 1.42
CA LYS B 113 -12.65 -9.27 0.56
C LYS B 113 -11.50 -9.86 1.35
N VAL B 114 -11.07 -9.19 2.45
CA VAL B 114 -9.91 -9.72 3.14
C VAL B 114 -10.23 -11.04 3.81
N GLN B 115 -11.53 -11.33 4.00
CA GLN B 115 -11.93 -12.60 4.57
C GLN B 115 -12.05 -13.68 3.52
N GLY B 116 -11.64 -13.39 2.28
CA GLY B 116 -11.74 -14.35 1.22
C GLY B 116 -13.10 -14.53 0.60
N LYS B 117 -14.07 -13.67 0.90
CA LYS B 117 -15.39 -13.88 0.33
C LYS B 117 -15.40 -13.56 -1.16
N THR B 118 -16.34 -14.19 -1.86
CA THR B 118 -16.51 -13.95 -3.27
C THR B 118 -17.97 -13.64 -3.59
N GLY B 119 -18.20 -13.35 -4.83
CA GLY B 119 -19.52 -13.08 -5.32
C GLY B 119 -19.68 -11.60 -5.57
N GLY B 120 -20.91 -11.21 -5.86
CA GLY B 120 -21.20 -9.82 -6.14
C GLY B 120 -22.63 -9.67 -6.61
N GLY B 121 -22.89 -8.54 -7.25
CA GLY B 121 -24.22 -8.31 -7.78
C GLY B 121 -25.30 -8.41 -6.74
N ILE B 122 -25.06 -7.87 -5.55
CA ILE B 122 -26.11 -7.77 -4.56
C ILE B 122 -26.76 -6.41 -4.78
N TRP B 123 -27.96 -6.44 -5.31
CA TRP B 123 -28.69 -5.25 -5.71
C TRP B 123 -29.97 -5.18 -4.93
N ILE B 124 -30.56 -4.00 -4.92
CA ILE B 124 -31.95 -3.81 -4.56
C ILE B 124 -32.67 -3.58 -5.88
N HIS B 125 -33.77 -4.29 -6.09
CA HIS B 125 -34.49 -4.15 -7.33
C HIS B 125 -35.94 -4.56 -7.09
N GLY B 126 -36.66 -4.79 -8.19
CA GLY B 126 -38.08 -5.08 -8.14
C GLY B 126 -38.38 -6.50 -8.60
N TYR B 127 -39.56 -6.69 -9.12
CA TYR B 127 -40.04 -7.99 -9.53
C TYR B 127 -40.13 -8.07 -11.04
N PRO B 128 -40.06 -9.27 -11.59
CA PRO B 128 -40.14 -9.42 -13.04
C PRO B 128 -41.34 -8.69 -13.60
N LEU B 129 -41.12 -7.91 -14.67
CA LEU B 129 -42.20 -7.14 -15.24
C LEU B 129 -43.27 -8.00 -15.88
N ASP B 130 -42.97 -9.27 -16.23
CA ASP B 130 -44.02 -10.14 -16.75
C ASP B 130 -44.90 -10.72 -15.64
N GLY B 131 -44.69 -10.34 -14.38
CA GLY B 131 -45.55 -10.78 -13.29
C GLY B 131 -45.13 -12.08 -12.63
N SER B 132 -44.03 -12.69 -13.08
CA SER B 132 -43.54 -13.93 -12.49
C SER B 132 -43.21 -13.74 -11.02
N ARG B 133 -43.35 -14.81 -10.26
CA ARG B 133 -43.19 -14.74 -8.82
C ARG B 133 -41.73 -14.79 -8.45
N LEU B 134 -41.42 -14.22 -7.30
CA LEU B 134 -40.12 -14.31 -6.68
C LEU B 134 -40.23 -15.09 -5.39
N ASP B 135 -39.09 -15.60 -4.94
CA ASP B 135 -38.96 -16.19 -3.62
C ASP B 135 -37.51 -16.00 -3.20
N GLU B 136 -37.18 -16.55 -2.05
CA GLU B 136 -35.88 -16.24 -1.45
C GLU B 136 -34.74 -16.95 -2.17
N PHE B 137 -35.03 -17.94 -3.01
CA PHE B 137 -33.99 -18.54 -3.85
C PHE B 137 -33.77 -17.75 -5.14
N LYS B 138 -34.84 -17.19 -5.69
CA LYS B 138 -34.75 -16.60 -7.03
C LYS B 138 -34.03 -15.26 -7.03
N THR B 139 -34.00 -14.52 -5.91
CA THR B 139 -33.30 -13.23 -5.92
C THR B 139 -31.80 -13.39 -5.94
N ARG B 140 -31.28 -14.58 -5.64
CA ARG B 140 -29.84 -14.81 -5.59
C ARG B 140 -29.15 -13.79 -4.66
N GLY B 141 -29.75 -13.55 -3.49
CA GLY B 141 -29.15 -12.68 -2.51
C GLY B 141 -29.61 -11.24 -2.61
N CYS B 142 -30.16 -10.87 -3.75
CA CYS B 142 -30.66 -9.51 -3.92
C CYS B 142 -31.86 -9.27 -3.03
N ILE B 143 -32.22 -8.00 -2.88
CA ILE B 143 -33.38 -7.61 -2.11
C ILE B 143 -34.42 -7.07 -3.08
N ALA B 144 -35.63 -7.62 -3.03
CA ALA B 144 -36.67 -7.28 -3.97
C ALA B 144 -37.76 -6.52 -3.27
N LEU B 145 -38.12 -5.37 -3.83
CA LEU B 145 -39.25 -4.57 -3.39
C LEU B 145 -40.33 -4.56 -4.46
N PHE B 146 -41.57 -4.35 -4.03
CA PHE B 146 -42.68 -4.34 -4.98
C PHE B 146 -42.48 -3.21 -5.99
N ASN B 147 -42.85 -3.48 -7.23
CA ASN B 147 -42.56 -2.51 -8.29
C ASN B 147 -43.29 -1.21 -8.06
N ASN B 148 -44.49 -1.26 -7.47
CA ASN B 148 -45.24 -0.05 -7.18
C ASN B 148 -44.67 0.71 -5.99
N ASN B 149 -43.68 0.15 -5.28
CA ASN B 149 -42.98 0.90 -4.23
C ASN B 149 -41.63 1.42 -4.67
N LEU B 150 -41.16 1.05 -5.85
CA LEU B 150 -39.79 1.38 -6.23
C LEU B 150 -39.62 2.83 -6.62
N GLU B 151 -40.62 3.43 -7.25
CA GLU B 151 -40.52 4.84 -7.57
C GLU B 151 -40.35 5.65 -6.29
N LYS B 152 -41.12 5.32 -5.25
CA LYS B 152 -40.97 5.99 -3.97
C LYS B 152 -39.60 5.71 -3.38
N PHE B 153 -39.16 4.45 -3.41
CA PHE B 153 -37.81 4.15 -2.95
C PHE B 153 -36.81 5.00 -3.71
N ALA B 154 -36.92 5.02 -5.04
CA ALA B 154 -36.01 5.78 -5.88
C ALA B 154 -35.98 7.24 -5.47
N GLN B 155 -37.16 7.80 -5.20
CA GLN B 155 -37.24 9.20 -4.81
C GLN B 155 -36.51 9.47 -3.50
N VAL B 156 -36.65 8.57 -2.52
CA VAL B 156 -36.09 8.80 -1.21
C VAL B 156 -34.57 8.68 -1.23
N VAL B 157 -33.98 7.95 -2.17
CA VAL B 157 -32.53 7.78 -2.17
C VAL B 157 -31.86 8.63 -3.22
N GLN B 158 -32.62 9.29 -4.08
CA GLN B 158 -32.04 10.00 -5.20
C GLN B 158 -31.10 11.09 -4.71
N ASP B 159 -29.93 11.17 -5.32
CA ASP B 159 -28.98 12.25 -5.11
C ASP B 159 -28.56 12.40 -3.66
N LYS B 160 -28.59 11.31 -2.88
CA LYS B 160 -28.16 11.34 -1.49
C LYS B 160 -27.01 10.37 -1.31
N LYS B 161 -26.28 10.56 -0.22
CA LYS B 161 -25.30 9.58 0.20
C LYS B 161 -26.07 8.49 0.93
N VAL B 162 -26.01 7.26 0.42
CA VAL B 162 -26.93 6.22 0.87
C VAL B 162 -26.14 5.01 1.33
N PHE B 163 -26.42 4.63 2.56
CA PHE B 163 -25.81 3.47 3.18
C PHE B 163 -26.80 2.34 3.20
N VAL B 164 -26.25 1.13 3.31
CA VAL B 164 -26.98 -0.11 3.26
C VAL B 164 -26.58 -0.88 4.51
N MET B 165 -27.52 -1.04 5.41
CA MET B 165 -27.30 -1.71 6.68
C MET B 165 -28.24 -2.89 6.70
N THR B 166 -27.69 -4.09 6.64
CA THR B 166 -28.50 -5.30 6.52
C THR B 166 -28.24 -6.20 7.70
N GLU B 167 -29.30 -6.50 8.42
CA GLU B 167 -29.28 -7.31 9.61
C GLU B 167 -29.74 -8.72 9.27
N GLU B 168 -29.25 -9.69 10.04
CA GLU B 168 -29.70 -11.07 9.88
C GLU B 168 -30.98 -11.30 10.68
N LYS B 169 -30.91 -11.06 11.99
CA LYS B 169 -32.05 -11.27 12.86
C LYS B 169 -32.01 -10.20 13.95
N GLU B 170 -30.92 -10.19 14.69
CA GLU B 170 -30.70 -9.19 15.74
C GLU B 170 -30.80 -7.78 15.17
N LYS B 171 -31.53 -6.91 15.86
N LYS B 171 -31.53 -6.91 15.86
CA LYS B 171 -31.53 -5.50 15.50
CA LYS B 171 -31.53 -5.50 15.50
C LYS B 171 -30.29 -4.85 16.09
C LYS B 171 -30.30 -4.84 16.10
N ILE B 172 -29.44 -4.31 15.23
CA ILE B 172 -28.13 -3.83 15.63
C ILE B 172 -28.17 -2.32 15.65
N ARG B 173 -27.82 -1.71 16.80
CA ARG B 173 -27.86 -0.27 16.92
C ARG B 173 -26.56 0.19 17.58
N ALA B 174 -26.02 1.28 17.04
CA ALA B 174 -24.88 1.91 17.67
C ALA B 174 -25.27 2.45 19.04
N LYS B 175 -24.28 2.53 19.91
CA LYS B 175 -24.44 3.07 21.25
C LYS B 175 -23.53 4.27 21.39
N LYS B 176 -24.00 5.28 22.12
CA LYS B 176 -23.25 6.52 22.22
C LYS B 176 -21.88 6.30 22.84
N ASP B 177 -21.82 5.48 23.90
CA ASP B 177 -20.54 5.23 24.55
C ASP B 177 -19.58 4.51 23.63
N GLN B 178 -20.11 3.62 22.79
CA GLN B 178 -19.23 2.87 21.89
C GLN B 178 -18.72 3.75 20.78
N ILE B 179 -19.56 4.61 20.24
CA ILE B 179 -19.09 5.52 19.21
C ILE B 179 -18.03 6.43 19.82
N ALA B 180 -18.31 6.95 21.00
CA ALA B 180 -17.38 7.90 21.62
C ALA B 180 -16.03 7.27 21.86
N SER B 181 -15.99 6.05 22.44
CA SER B 181 -14.69 5.44 22.73
C SER B 181 -13.97 5.05 21.45
N LEU B 182 -14.70 4.62 20.41
CA LEU B 182 -14.05 4.29 19.15
C LEU B 182 -13.43 5.51 18.51
N LEU B 183 -14.09 6.67 18.59
CA LEU B 183 -13.50 7.86 17.99
C LEU B 183 -12.29 8.30 18.79
N ALA B 184 -12.36 8.14 20.10
CA ALA B 184 -11.20 8.42 20.93
C ALA B 184 -10.06 7.51 20.52
N ASP B 185 -10.33 6.21 20.42
CA ASP B 185 -9.36 5.26 19.91
C ASP B 185 -8.85 5.66 18.54
N LEU B 186 -9.74 6.10 17.63
CA LEU B 186 -9.31 6.48 16.30
C LEU B 186 -8.20 7.52 16.35
N PHE B 187 -8.38 8.56 17.17
CA PHE B 187 -7.34 9.58 17.26
C PHE B 187 -6.14 9.13 18.08
N THR B 188 -6.34 8.18 19.00
CA THR B 188 -5.18 7.66 19.72
C THR B 188 -4.31 6.82 18.78
N TRP B 189 -4.96 6.01 17.96
CA TRP B 189 -4.26 5.29 16.90
C TRP B 189 -3.57 6.26 15.95
N LYS B 190 -4.24 7.35 15.58
CA LYS B 190 -3.61 8.33 14.70
C LYS B 190 -2.37 8.93 15.33
N LEU B 191 -2.43 9.19 16.63
CA LEU B 191 -1.28 9.75 17.30
C LEU B 191 -0.13 8.75 17.32
N ALA B 192 -0.41 7.47 17.60
CA ALA B 192 0.63 6.45 17.59
C ALA B 192 1.22 6.30 16.20
N TRP B 193 0.37 6.34 15.17
CA TRP B 193 0.84 6.34 13.81
C TRP B 193 1.74 7.53 13.54
N THR B 194 1.26 8.74 13.88
CA THR B 194 2.04 9.94 13.66
C THR B 194 3.40 9.87 14.34
N ASN B 195 3.43 9.37 15.57
CA ASN B 195 4.63 9.37 16.39
C ASN B 195 5.45 8.11 16.19
N SER B 196 5.08 7.27 15.26
CA SER B 196 5.79 6.02 15.00
C SER B 196 5.91 5.22 16.30
N ASP B 197 4.84 5.19 17.07
CA ASP B 197 4.80 4.42 18.32
C ASP B 197 4.27 3.02 17.96
N THR B 198 5.21 2.15 17.61
CA THR B 198 4.86 0.87 17.01
C THR B 198 3.93 0.07 17.91
N ASN B 199 4.31 -0.05 19.19
CA ASN B 199 3.56 -0.96 20.05
C ASN B 199 2.13 -0.47 20.29
N THR B 200 1.94 0.84 20.47
CA THR B 200 0.59 1.36 20.63
C THR B 200 -0.19 1.22 19.33
N TYR B 201 0.44 1.57 18.22
CA TYR B 201 -0.19 1.43 16.93
C TYR B 201 -0.64 -0.01 16.70
N LEU B 202 0.27 -0.97 16.88
CA LEU B 202 -0.08 -2.35 16.57
C LEU B 202 -1.13 -2.88 17.54
N SER B 203 -1.18 -2.33 18.76
CA SER B 203 -2.19 -2.75 19.72
C SER B 203 -3.61 -2.47 19.26
N PHE B 204 -3.80 -1.60 18.27
CA PHE B 204 -5.14 -1.34 17.79
C PHE B 204 -5.56 -2.30 16.69
N TYR B 205 -4.70 -3.27 16.33
CA TYR B 205 -5.01 -4.27 15.32
C TYR B 205 -5.25 -5.60 16.02
N ASP B 206 -6.21 -6.34 15.53
CA ASP B 206 -6.54 -7.63 16.10
C ASP B 206 -5.50 -8.62 15.61
N GLU B 207 -4.56 -8.95 16.48
CA GLU B 207 -3.43 -9.78 16.06
C GLU B 207 -3.91 -11.08 15.42
N GLN B 208 -5.00 -11.67 15.90
CA GLN B 208 -5.43 -12.94 15.32
C GLN B 208 -6.38 -12.80 14.14
N GLU B 209 -7.15 -11.70 14.03
CA GLU B 209 -8.18 -11.60 13.01
C GLU B 209 -7.90 -10.57 11.92
N PHE B 210 -7.01 -9.60 12.15
CA PHE B 210 -6.75 -8.58 11.14
C PHE B 210 -6.25 -9.25 9.86
N LYS B 211 -6.78 -8.83 8.73
CA LYS B 211 -6.43 -9.40 7.45
C LYS B 211 -6.29 -8.30 6.43
N ARG B 212 -5.48 -8.56 5.41
CA ARG B 212 -5.19 -7.55 4.42
C ARG B 212 -5.51 -8.10 3.04
N PHE B 213 -5.73 -7.15 2.13
CA PHE B 213 -6.15 -7.54 0.77
C PHE B 213 -4.99 -8.18 0.02
N ASP B 214 -3.75 -7.80 0.36
CA ASP B 214 -2.57 -8.45 -0.21
C ASP B 214 -2.21 -9.74 0.52
N LYS B 215 -3.03 -10.14 1.48
CA LYS B 215 -2.90 -11.41 2.21
C LYS B 215 -1.63 -11.49 3.05
N MET B 216 -0.98 -10.36 3.31
CA MET B 216 0.15 -10.36 4.23
C MET B 216 -0.32 -10.79 5.62
N LYS B 217 0.40 -11.73 6.22
CA LYS B 217 0.06 -12.22 7.56
C LYS B 217 0.53 -11.24 8.63
N PHE B 218 0.01 -11.41 9.84
CA PHE B 218 0.19 -10.35 10.84
C PHE B 218 1.67 -10.18 11.18
N GLU B 219 2.38 -11.29 11.30
CA GLU B 219 3.80 -11.22 11.62
C GLU B 219 4.52 -10.31 10.66
N GLN B 220 4.27 -10.48 9.35
CA GLN B 220 4.90 -9.65 8.32
C GLN B 220 4.37 -8.22 8.37
N PHE B 221 3.08 -8.04 8.66
CA PHE B 221 2.55 -6.68 8.82
C PHE B 221 3.29 -5.95 9.94
N ALA B 222 3.43 -6.61 11.08
CA ALA B 222 4.11 -6.00 12.23
C ALA B 222 5.57 -5.71 11.92
N SER B 223 6.27 -6.67 11.29
CA SER B 223 7.66 -6.46 10.91
C SER B 223 7.81 -5.28 9.96
N MET B 224 6.92 -5.17 8.99
CA MET B 224 6.94 -4.04 8.06
C MET B 224 6.75 -2.74 8.82
N LYS B 225 5.71 -2.68 9.66
CA LYS B 225 5.44 -1.45 10.38
C LYS B 225 6.56 -1.12 11.35
N LYS B 226 7.12 -2.13 12.03
CA LYS B 226 8.26 -1.91 12.90
C LYS B 226 9.42 -1.29 12.14
N SER B 227 9.69 -1.80 10.96
CA SER B 227 10.79 -1.26 10.16
C SER B 227 10.52 0.19 9.76
N ILE B 228 9.30 0.49 9.30
CA ILE B 228 8.98 1.84 8.88
C ILE B 228 9.04 2.78 10.06
N PHE B 229 8.43 2.37 11.16
CA PHE B 229 8.34 3.26 12.31
C PHE B 229 9.72 3.49 12.92
N SER B 230 10.63 2.54 12.79
CA SER B 230 11.95 2.77 13.37
C SER B 230 12.69 3.91 12.67
N ARG B 231 12.27 4.28 11.45
CA ARG B 231 12.84 5.45 10.81
C ARG B 231 12.45 6.74 11.51
N LYS B 232 11.39 6.73 12.31
CA LYS B 232 10.91 7.91 13.02
C LYS B 232 10.84 9.13 12.09
N GLU B 233 10.19 8.95 10.95
CA GLU B 233 10.01 10.06 10.03
C GLU B 233 9.00 11.04 10.58
N ASP B 234 9.23 12.33 10.36
CA ASP B 234 8.22 13.31 10.71
C ASP B 234 7.00 13.09 9.83
N LYS B 235 5.85 12.95 10.47
CA LYS B 235 4.61 12.69 9.76
C LYS B 235 3.59 13.77 10.09
N LYS B 236 2.69 14.01 9.14
CA LYS B 236 1.52 14.82 9.40
C LYS B 236 0.36 14.00 8.87
N ILE B 237 -0.55 13.65 9.74
CA ILE B 237 -1.66 12.77 9.39
C ILE B 237 -2.94 13.47 9.83
N LYS B 238 -3.85 13.65 8.88
CA LYS B 238 -5.06 14.44 9.12
C LYS B 238 -6.26 13.61 8.68
N PHE B 239 -7.25 13.48 9.57
CA PHE B 239 -8.48 12.78 9.28
C PHE B 239 -9.60 13.80 9.15
N SER B 240 -10.49 13.57 8.21
CA SER B 240 -11.64 14.46 8.09
C SER B 240 -12.77 13.67 7.49
N ASP B 241 -13.94 14.30 7.44
CA ASP B 241 -15.11 13.69 6.81
C ASP B 241 -15.39 12.31 7.40
N ILE B 242 -15.49 12.26 8.73
CA ILE B 242 -15.57 11.02 9.49
C ILE B 242 -17.02 10.59 9.64
N ASN B 243 -17.29 9.31 9.39
CA ASN B 243 -18.58 8.70 9.60
C ASN B 243 -18.40 7.36 10.26
N ILE B 244 -19.18 7.09 11.31
CA ILE B 244 -19.02 5.86 12.05
C ILE B 244 -20.36 5.16 12.14
N SER B 245 -20.37 3.86 11.85
CA SER B 245 -21.62 3.14 11.64
C SER B 245 -21.57 1.78 12.31
N PRO B 246 -22.70 1.32 12.85
CA PRO B 246 -22.74 -0.02 13.43
C PRO B 246 -22.67 -1.03 12.32
N TYR B 247 -22.04 -2.17 12.60
CA TYR B 247 -21.75 -3.15 11.56
C TYR B 247 -22.37 -4.48 11.94
N PRO B 248 -23.54 -4.81 11.41
CA PRO B 248 -24.15 -6.10 11.75
C PRO B 248 -23.27 -7.26 11.32
N ASN B 249 -23.21 -8.28 12.18
CA ASN B 249 -22.38 -9.44 11.90
C ASN B 249 -22.94 -10.62 12.68
N LEU B 250 -22.49 -11.79 12.27
CA LEU B 250 -22.83 -13.05 12.90
C LEU B 250 -21.61 -13.69 13.55
N GLU B 251 -20.62 -12.88 13.93
CA GLU B 251 -19.44 -13.34 14.65
C GLU B 251 -19.58 -13.14 16.15
N ASN B 252 -20.74 -12.71 16.62
CA ASN B 252 -20.93 -12.39 18.02
C ASN B 252 -19.91 -11.36 18.49
N GLU B 253 -19.65 -10.38 17.63
CA GLU B 253 -18.78 -9.26 17.96
C GLU B 253 -19.58 -7.98 17.86
N THR B 254 -19.09 -6.95 18.54
CA THR B 254 -19.61 -5.60 18.39
C THR B 254 -18.72 -4.89 17.40
N MET B 255 -19.23 -4.66 16.19
CA MET B 255 -18.42 -4.17 15.11
C MET B 255 -18.93 -2.81 14.62
N TYR B 256 -17.99 -2.02 14.12
CA TYR B 256 -18.32 -0.74 13.53
C TYR B 256 -17.47 -0.54 12.30
N ARG B 257 -17.97 0.29 11.40
CA ARG B 257 -17.21 0.77 10.27
C ARG B 257 -16.90 2.24 10.52
N ILE B 258 -15.66 2.63 10.32
CA ILE B 258 -15.26 4.03 10.44
C ILE B 258 -14.70 4.45 9.10
N SER B 259 -15.39 5.35 8.42
CA SER B 259 -14.91 5.86 7.15
C SER B 259 -14.43 7.30 7.34
N PHE B 260 -13.36 7.66 6.65
CA PHE B 260 -12.86 9.02 6.81
C PHE B 260 -11.92 9.31 5.65
N TYR B 261 -11.68 10.58 5.44
CA TYR B 261 -10.69 11.05 4.49
C TYR B 261 -9.35 11.15 5.20
N GLU B 262 -8.35 10.53 4.62
CA GLU B 262 -7.05 10.39 5.22
C GLU B 262 -6.05 11.19 4.41
N ASP B 263 -5.28 12.01 5.08
CA ASP B 263 -4.32 12.88 4.45
C ASP B 263 -3.01 12.66 5.17
N TYR B 264 -2.06 12.03 4.49
CA TYR B 264 -0.84 11.51 5.08
C TYR B 264 0.36 12.17 4.41
N TYR B 265 1.28 12.72 5.21
CA TYR B 265 2.46 13.38 4.67
C TYR B 265 3.73 12.93 5.37
N THR B 266 4.72 12.52 4.58
CA THR B 266 6.12 12.55 4.95
C THR B 266 6.90 13.12 3.78
N LYS B 267 8.18 13.38 4.02
CA LYS B 267 9.01 14.03 3.01
C LYS B 267 9.08 13.22 1.73
N ASN B 268 9.10 11.89 1.86
CA ASN B 268 9.35 11.04 0.68
C ASN B 268 8.15 10.23 0.25
N TYR B 269 7.01 10.40 0.91
CA TYR B 269 5.78 9.72 0.51
C TYR B 269 4.61 10.45 1.13
N GLN B 270 3.60 10.76 0.33
CA GLN B 270 2.38 11.36 0.84
C GLN B 270 1.20 10.80 0.08
N PHE B 271 0.04 10.81 0.72
CA PHE B 271 -1.14 10.40 -0.02
C PHE B 271 -2.35 11.04 0.63
N ARG B 272 -3.42 11.10 -0.14
CA ARG B 272 -4.71 11.58 0.32
C ARG B 272 -5.76 10.68 -0.32
N GLY B 273 -6.73 10.21 0.47
CA GLY B 273 -7.73 9.34 -0.09
C GLY B 273 -8.73 8.92 0.95
N ASP B 274 -9.74 8.19 0.48
CA ASP B 274 -10.76 7.63 1.36
C ASP B 274 -10.21 6.42 2.12
N ALA B 275 -10.37 6.44 3.45
CA ALA B 275 -9.89 5.42 4.35
C ALA B 275 -11.08 4.79 5.03
N ILE B 276 -10.91 3.56 5.47
CA ILE B 276 -11.95 2.84 6.18
C ILE B 276 -11.31 1.89 7.17
N LEU B 277 -11.90 1.82 8.33
CA LEU B 277 -11.56 0.82 9.33
C LEU B 277 -12.80 0.01 9.59
N TYR B 278 -12.66 -1.29 9.48
CA TYR B 278 -13.66 -2.21 9.98
C TYR B 278 -13.13 -2.77 11.29
N VAL B 279 -13.86 -2.53 12.38
CA VAL B 279 -13.32 -2.77 13.71
C VAL B 279 -14.32 -3.52 14.56
N LYS B 280 -13.79 -4.18 15.57
CA LYS B 280 -14.56 -4.66 16.68
C LYS B 280 -14.11 -3.91 17.92
N ILE B 281 -14.97 -3.94 18.94
CA ILE B 281 -14.65 -3.45 20.26
C ILE B 281 -14.33 -4.68 21.08
N ASP B 282 -13.14 -4.75 21.63
CA ASP B 282 -12.72 -5.97 22.30
C ASP B 282 -13.24 -5.99 23.75
N SER B 283 -12.82 -7.00 24.52
CA SER B 283 -13.35 -7.20 25.87
C SER B 283 -12.92 -6.10 26.84
N LYS B 284 -11.91 -5.32 26.49
CA LYS B 284 -11.50 -4.17 27.27
C LYS B 284 -12.14 -2.86 26.80
N GLY B 285 -13.08 -2.93 25.86
CA GLY B 285 -13.69 -1.72 25.32
C GLY B 285 -12.81 -1.00 24.33
N LYS B 286 -11.82 -1.67 23.75
CA LYS B 286 -10.84 -1.05 22.89
C LYS B 286 -11.06 -1.43 21.43
N MET B 287 -10.84 -0.46 20.53
CA MET B 287 -10.87 -0.71 19.10
C MET B 287 -9.87 -1.77 18.68
N LYS B 288 -10.29 -2.70 17.85
CA LYS B 288 -9.40 -3.70 17.26
C LYS B 288 -9.73 -3.76 15.78
N ILE B 289 -8.78 -3.29 14.95
CA ILE B 289 -8.98 -3.22 13.52
C ILE B 289 -8.94 -4.62 12.93
N LEU B 290 -9.95 -4.92 12.10
CA LEU B 290 -10.08 -6.17 11.35
C LEU B 290 -9.74 -6.02 9.89
N ALA B 291 -9.92 -4.81 9.35
CA ALA B 291 -9.60 -4.53 7.97
C ALA B 291 -9.38 -3.03 7.87
N GLU B 292 -8.40 -2.63 7.06
CA GLU B 292 -8.09 -1.22 6.92
C GLU B 292 -7.86 -0.90 5.45
N GLN B 293 -8.55 0.13 4.98
CA GLN B 293 -8.22 0.77 3.72
C GLN B 293 -7.47 2.07 4.00
#